data_2R4I
#
_entry.id   2R4I
#
_cell.length_a   56.830
_cell.length_b   57.690
_cell.length_c   157.660
_cell.angle_alpha   90.000
_cell.angle_beta   90.000
_cell.angle_gamma   90.000
#
_symmetry.space_group_name_H-M   'P 21 21 21'
#
loop_
_entity.id
_entity.type
_entity.pdbx_description
1 polymer 'Uncharacterized protein'
2 non-polymer 'CITRIC ACID'
3 non-polymer 'ISOPROPYL ALCOHOL'
4 non-polymer GLYCEROL
5 water water
#
_entity_poly.entity_id   1
_entity_poly.type   'polypeptide(L)'
_entity_poly.pdbx_seq_one_letter_code
;G(MSE)NQRDVILDCEKKLLTAIQNNDVESLEVLLHDDLLFIIPSGETVTKETDIAAYSSGKIALRAVVPSDYIIRIIHD
TVVVSVNIEIKGEY(MSE)EHTLDNTFRYLRVWKLFDGNWKVIAGSCTAIG
;
_entity_poly.pdbx_strand_id   A,B,C,D
#
# COMPACT_ATOMS: atom_id res chain seq x y z
N GLY A 1 -8.10 -31.65 -23.31
CA GLY A 1 -6.68 -31.24 -23.03
C GLY A 1 -6.58 -29.82 -22.50
N ASN A 3 -5.32 -26.06 -23.74
CA ASN A 3 -4.99 -25.19 -24.90
C ASN A 3 -4.32 -23.89 -24.47
N GLN A 4 -3.98 -23.03 -25.43
CA GLN A 4 -3.28 -21.78 -25.10
CA GLN A 4 -3.29 -21.77 -25.14
C GLN A 4 -4.15 -20.84 -24.28
N ARG A 5 -5.44 -20.80 -24.55
CA ARG A 5 -6.34 -20.01 -23.74
C ARG A 5 -6.31 -20.48 -22.29
N ASP A 6 -6.36 -21.79 -22.06
CA ASP A 6 -6.30 -22.30 -20.71
C ASP A 6 -5.02 -21.83 -20.00
N VAL A 7 -3.92 -21.82 -20.74
CA VAL A 7 -2.63 -21.36 -20.17
C VAL A 7 -2.68 -19.89 -19.78
N ILE A 8 -3.13 -19.06 -20.71
CA ILE A 8 -3.28 -17.61 -20.55
C ILE A 8 -4.13 -17.26 -19.34
N LEU A 9 -5.26 -17.97 -19.20
CA LEU A 9 -6.24 -17.70 -18.11
C LEU A 9 -6.00 -18.53 -16.83
N ASP A 10 -4.89 -19.26 -16.75
CA ASP A 10 -4.63 -20.13 -15.60
C ASP A 10 -4.69 -19.34 -14.26
N CYS A 11 -4.04 -18.18 -14.22
CA CYS A 11 -4.03 -17.41 -12.98
C CYS A 11 -5.38 -16.78 -12.68
N GLU A 12 -6.10 -16.37 -13.73
CA GLU A 12 -7.50 -15.97 -13.57
C GLU A 12 -8.33 -17.04 -12.90
N LYS A 13 -8.22 -18.31 -13.36
CA LYS A 13 -9.03 -19.38 -12.81
C LYS A 13 -8.62 -19.70 -11.36
N LYS A 14 -7.32 -19.69 -11.09
CA LYS A 14 -6.86 -19.86 -9.71
C LYS A 14 -7.39 -18.75 -8.80
N LEU A 15 -7.45 -17.51 -9.30
CA LEU A 15 -7.95 -16.41 -8.50
C LEU A 15 -9.44 -16.63 -8.18
N LEU A 16 -10.24 -16.94 -9.20
CA LEU A 16 -11.68 -17.14 -8.96
C LEU A 16 -11.98 -18.30 -7.99
N THR A 17 -11.20 -19.38 -8.11
CA THR A 17 -11.31 -20.53 -7.19
C THR A 17 -10.92 -20.12 -5.75
N ALA A 18 -9.86 -19.30 -5.63
CA ALA A 18 -9.37 -18.83 -4.32
C ALA A 18 -10.40 -17.91 -3.65
N ILE A 19 -11.07 -17.06 -4.46
CA ILE A 19 -12.16 -16.21 -3.98
C ILE A 19 -13.32 -17.04 -3.48
N GLN A 20 -13.71 -18.02 -4.30
CA GLN A 20 -14.84 -18.88 -3.99
C GLN A 20 -14.64 -19.70 -2.71
N ASN A 21 -13.40 -20.11 -2.45
CA ASN A 21 -13.06 -20.95 -1.33
C ASN A 21 -12.33 -20.23 -0.17
N ASN A 22 -12.21 -18.89 -0.21
CA ASN A 22 -11.51 -18.14 0.84
CA ASN A 22 -11.51 -18.15 0.84
C ASN A 22 -10.10 -18.68 1.05
N ASP A 23 -9.42 -18.98 -0.07
CA ASP A 23 -8.07 -19.49 0.00
C ASP A 23 -7.14 -18.31 0.17
N VAL A 24 -6.95 -17.89 1.42
CA VAL A 24 -6.09 -16.75 1.70
C VAL A 24 -4.64 -16.98 1.28
N GLU A 25 -4.15 -18.22 1.36
CA GLU A 25 -2.78 -18.55 1.02
C GLU A 25 -2.54 -18.30 -0.48
N SER A 26 -3.50 -18.70 -1.31
CA SER A 26 -3.42 -18.43 -2.76
C SER A 26 -3.58 -16.94 -3.10
N LEU A 27 -4.49 -16.27 -2.44
CA LEU A 27 -4.63 -14.80 -2.63
C LEU A 27 -3.33 -14.05 -2.31
N GLU A 28 -2.57 -14.48 -1.29
CA GLU A 28 -1.29 -13.84 -0.94
CA GLU A 28 -1.30 -13.81 -0.93
C GLU A 28 -0.27 -13.88 -2.07
N VAL A 29 -0.30 -14.98 -2.84
CA VAL A 29 0.60 -15.18 -3.96
C VAL A 29 0.13 -14.48 -5.26
N LEU A 30 -1.17 -14.50 -5.50
CA LEU A 30 -1.72 -13.98 -6.73
C LEU A 30 -1.87 -12.46 -6.78
N LEU A 31 -2.00 -11.85 -5.62
CA LEU A 31 -2.17 -10.40 -5.52
C LEU A 31 -0.85 -9.76 -5.15
N HIS A 32 -0.48 -8.73 -5.89
CA HIS A 32 0.75 -7.95 -5.61
C HIS A 32 0.55 -7.04 -4.40
N ASP A 33 1.55 -6.97 -3.52
CA ASP A 33 1.48 -6.14 -2.31
C ASP A 33 1.04 -4.69 -2.56
N ASP A 34 1.43 -4.14 -3.71
CA ASP A 34 1.20 -2.74 -4.03
C ASP A 34 0.06 -2.47 -4.98
N LEU A 35 -0.88 -3.40 -5.10
CA LEU A 35 -2.01 -3.16 -5.96
C LEU A 35 -2.95 -2.09 -5.42
N LEU A 36 -3.77 -1.54 -6.33
CA LEU A 36 -4.93 -0.75 -5.96
C LEU A 36 -6.15 -1.31 -6.69
N PHE A 37 -7.25 -1.41 -5.95
CA PHE A 37 -8.53 -1.83 -6.50
C PHE A 37 -9.55 -0.73 -6.28
N ILE A 38 -10.42 -0.49 -7.26
CA ILE A 38 -11.56 0.41 -7.06
CA ILE A 38 -11.57 0.42 -7.08
C ILE A 38 -12.82 -0.46 -7.03
N ILE A 39 -13.67 -0.22 -6.03
CA ILE A 39 -14.94 -0.96 -5.85
C ILE A 39 -16.13 -0.04 -6.22
N PRO A 40 -17.33 -0.60 -6.33
CA PRO A 40 -18.48 0.25 -6.74
C PRO A 40 -18.81 1.54 -5.98
N SER A 41 -18.50 1.58 -4.68
CA SER A 41 -18.67 2.78 -3.89
C SER A 41 -17.71 3.91 -4.29
N GLY A 42 -16.68 3.58 -5.07
CA GLY A 42 -15.64 4.51 -5.47
C GLY A 42 -14.47 4.47 -4.50
N GLU A 43 -14.50 3.61 -3.48
CA GLU A 43 -13.40 3.43 -2.53
CA GLU A 43 -13.39 3.50 -2.55
C GLU A 43 -12.20 2.78 -3.22
N THR A 44 -10.99 3.17 -2.80
CA THR A 44 -9.73 2.60 -3.26
C THR A 44 -9.28 1.62 -2.15
N VAL A 45 -9.13 0.36 -2.53
CA VAL A 45 -8.84 -0.75 -1.63
C VAL A 45 -7.49 -1.33 -1.92
N THR A 46 -6.77 -1.68 -0.84
CA THR A 46 -5.47 -2.28 -0.94
C THR A 46 -5.52 -3.81 -0.80
N LYS A 47 -4.40 -4.47 -1.09
CA LYS A 47 -4.33 -5.93 -0.99
C LYS A 47 -4.70 -6.39 0.43
N GLU A 48 -4.12 -5.76 1.44
CA GLU A 48 -4.40 -6.17 2.85
C GLU A 48 -5.85 -6.08 3.24
N THR A 49 -6.50 -5.00 2.82
CA THR A 49 -7.90 -4.82 3.11
C THR A 49 -8.75 -5.89 2.42
N ASP A 50 -8.46 -6.13 1.14
CA ASP A 50 -9.17 -7.12 0.34
C ASP A 50 -9.05 -8.51 0.98
N ILE A 51 -7.82 -8.92 1.26
CA ILE A 51 -7.56 -10.24 1.83
C ILE A 51 -8.15 -10.38 3.24
N ALA A 52 -8.08 -9.34 4.06
CA ALA A 52 -8.63 -9.37 5.42
C ALA A 52 -10.12 -9.74 5.45
N ALA A 53 -10.88 -9.29 4.43
CA ALA A 53 -12.32 -9.59 4.30
C ALA A 53 -12.53 -11.13 4.14
N TYR A 54 -11.66 -11.79 3.35
CA TYR A 54 -11.72 -13.26 3.17
C TYR A 54 -11.24 -14.02 4.42
N SER A 55 -10.20 -13.50 5.08
CA SER A 55 -9.65 -14.11 6.30
C SER A 55 -10.64 -14.09 7.47
N SER A 56 -11.41 -13.02 7.55
CA SER A 56 -12.30 -12.82 8.68
C SER A 56 -13.61 -13.60 8.63
N GLY A 57 -13.87 -14.36 7.57
CA GLY A 57 -15.16 -15.07 7.44
C GLY A 57 -16.28 -14.15 6.97
N LYS A 58 -15.93 -12.93 6.55
CA LYS A 58 -16.90 -11.92 6.16
C LYS A 58 -17.50 -12.17 4.76
N ILE A 59 -16.79 -12.97 3.94
CA ILE A 59 -17.21 -13.32 2.58
C ILE A 59 -17.48 -14.84 2.47
N ALA A 60 -18.68 -15.20 1.98
CA ALA A 60 -19.11 -16.61 1.79
C ALA A 60 -19.82 -16.75 0.43
N LEU A 61 -19.02 -16.78 -0.64
CA LEU A 61 -19.51 -16.87 -2.03
C LEU A 61 -19.66 -18.32 -2.45
N ARG A 62 -20.85 -18.70 -2.93
CA ARG A 62 -21.13 -20.09 -3.34
C ARG A 62 -20.59 -20.44 -4.70
N ALA A 63 -20.66 -19.48 -5.62
CA ALA A 63 -20.18 -19.71 -6.92
C ALA A 63 -19.63 -18.37 -7.45
N VAL A 64 -18.57 -18.50 -8.27
CA VAL A 64 -17.87 -17.37 -8.88
C VAL A 64 -17.60 -17.77 -10.35
N VAL A 65 -18.47 -17.33 -11.27
CA VAL A 65 -18.46 -17.76 -12.69
C VAL A 65 -18.13 -16.62 -13.68
N PRO A 66 -17.08 -16.78 -14.47
CA PRO A 66 -16.70 -15.79 -15.48
C PRO A 66 -17.38 -16.06 -16.83
N SER A 67 -17.57 -14.98 -17.58
CA SER A 67 -18.01 -15.04 -18.97
C SER A 67 -17.56 -13.80 -19.72
N ASP A 68 -17.40 -13.92 -21.03
CA ASP A 68 -17.09 -12.77 -21.88
C ASP A 68 -15.74 -12.13 -21.64
N TYR A 69 -14.72 -12.96 -21.38
CA TYR A 69 -13.36 -12.43 -21.28
C TYR A 69 -12.99 -11.61 -22.54
N ILE A 70 -12.35 -10.48 -22.31
CA ILE A 70 -11.68 -9.65 -23.31
C ILE A 70 -10.27 -9.51 -22.76
N ILE A 71 -9.28 -9.99 -23.52
CA ILE A 71 -7.88 -10.06 -23.11
C ILE A 71 -6.95 -9.25 -24.01
N ARG A 72 -5.97 -8.55 -23.44
CA ARG A 72 -4.95 -7.86 -24.20
C ARG A 72 -3.61 -8.16 -23.53
N ILE A 73 -2.69 -8.66 -24.30
CA ILE A 73 -1.32 -8.94 -23.81
C ILE A 73 -0.39 -7.82 -24.24
N ILE A 74 0.28 -7.17 -23.28
CA ILE A 74 1.13 -6.02 -23.54
C ILE A 74 2.45 -6.28 -22.83
N HIS A 75 3.43 -6.80 -23.55
CA HIS A 75 4.72 -7.12 -22.99
CA HIS A 75 4.73 -7.09 -22.97
C HIS A 75 4.55 -8.07 -21.77
N ASP A 76 4.99 -7.68 -20.57
CA ASP A 76 4.89 -8.52 -19.37
C ASP A 76 3.58 -8.36 -18.59
N THR A 77 2.55 -7.84 -19.26
CA THR A 77 1.28 -7.52 -18.64
C THR A 77 0.11 -8.09 -19.45
N VAL A 78 -0.87 -8.65 -18.74
CA VAL A 78 -2.16 -9.10 -19.31
C VAL A 78 -3.28 -8.23 -18.70
N VAL A 79 -4.03 -7.56 -19.57
CA VAL A 79 -5.17 -6.71 -19.17
C VAL A 79 -6.42 -7.54 -19.52
N VAL A 80 -7.29 -7.73 -18.52
CA VAL A 80 -8.50 -8.53 -18.61
C VAL A 80 -9.74 -7.76 -18.20
N SER A 81 -10.78 -7.88 -19.02
CA SER A 81 -12.12 -7.38 -18.75
C SER A 81 -13.05 -8.60 -18.82
N VAL A 82 -13.90 -8.77 -17.81
CA VAL A 82 -14.75 -9.97 -17.74
C VAL A 82 -15.99 -9.76 -16.87
N ASN A 83 -17.08 -10.44 -17.25
CA ASN A 83 -18.28 -10.52 -16.40
C ASN A 83 -18.05 -11.59 -15.36
N ILE A 84 -18.29 -11.29 -14.09
CA ILE A 84 -18.23 -12.27 -13.00
C ILE A 84 -19.57 -12.32 -12.26
N GLU A 85 -20.20 -13.50 -12.19
CA GLU A 85 -21.39 -13.69 -11.38
C GLU A 85 -20.95 -13.91 -9.95
N ILE A 86 -21.44 -13.08 -9.06
CA ILE A 86 -21.12 -13.16 -7.63
C ILE A 86 -22.41 -13.51 -6.91
N LYS A 87 -22.42 -14.68 -6.29
CA LYS A 87 -23.57 -15.19 -5.52
C LYS A 87 -23.14 -15.65 -4.15
N GLY A 88 -23.74 -15.06 -3.12
CA GLY A 88 -23.43 -15.48 -1.76
C GLY A 88 -23.54 -14.34 -0.80
N GLU A 89 -22.89 -14.51 0.34
CA GLU A 89 -22.89 -13.50 1.38
C GLU A 89 -21.61 -12.74 1.32
N TYR A 90 -21.75 -11.43 1.42
CA TYR A 90 -20.65 -10.52 1.41
C TYR A 90 -21.01 -9.59 2.57
N GLU A 92 -23.09 -8.36 5.47
CA GLU A 92 -24.56 -8.51 5.65
C GLU A 92 -25.27 -8.72 4.31
N HIS A 93 -24.61 -8.31 3.22
CA HIS A 93 -25.22 -8.27 1.90
C HIS A 93 -25.24 -9.60 1.19
N THR A 94 -26.43 -10.01 0.78
CA THR A 94 -26.64 -11.20 -0.02
C THR A 94 -26.54 -10.71 -1.48
N LEU A 95 -25.62 -11.32 -2.22
CA LEU A 95 -25.38 -10.99 -3.61
C LEU A 95 -25.85 -12.11 -4.53
N ASP A 96 -26.34 -11.71 -5.71
CA ASP A 96 -26.77 -12.58 -6.78
C ASP A 96 -26.80 -11.65 -8.01
N ASN A 97 -25.61 -11.16 -8.34
CA ASN A 97 -25.43 -10.10 -9.31
C ASN A 97 -24.14 -10.29 -10.09
N THR A 98 -24.07 -9.66 -11.25
CA THR A 98 -22.87 -9.65 -12.10
C THR A 98 -22.17 -8.33 -11.99
N PHE A 99 -20.84 -8.39 -11.98
CA PHE A 99 -20.01 -7.17 -12.02
C PHE A 99 -19.07 -7.31 -13.16
N ARG A 100 -18.69 -6.19 -13.76
CA ARG A 100 -17.65 -6.19 -14.80
C ARG A 100 -16.32 -5.91 -14.11
N TYR A 101 -15.44 -6.92 -14.08
CA TYR A 101 -14.14 -6.78 -13.48
C TYR A 101 -13.07 -6.41 -14.50
N LEU A 102 -12.22 -5.46 -14.13
CA LEU A 102 -11.00 -5.16 -14.82
C LEU A 102 -9.89 -5.68 -13.89
N ARG A 103 -8.95 -6.43 -14.46
CA ARG A 103 -7.71 -6.82 -13.74
C ARG A 103 -6.50 -6.64 -14.65
N VAL A 104 -5.41 -6.15 -14.06
CA VAL A 104 -4.13 -6.02 -14.72
C VAL A 104 -3.16 -6.95 -13.98
N TRP A 105 -2.61 -7.91 -14.73
CA TRP A 105 -1.69 -8.87 -14.23
C TRP A 105 -0.29 -8.55 -14.80
N LYS A 106 0.74 -8.68 -13.95
CA LYS A 106 2.12 -8.49 -14.34
C LYS A 106 2.96 -9.72 -13.98
N LEU A 107 3.89 -10.11 -14.85
CA LEU A 107 4.77 -11.26 -14.62
C LEU A 107 5.97 -10.75 -13.86
N PHE A 108 5.97 -10.92 -12.54
CA PHE A 108 6.86 -10.23 -11.59
C PHE A 108 7.22 -11.20 -10.48
N ASP A 109 8.48 -11.21 -10.04
CA ASP A 109 8.96 -12.20 -9.07
CA ASP A 109 8.98 -12.20 -9.06
C ASP A 109 8.67 -13.62 -9.57
N GLY A 110 8.73 -13.79 -10.89
CA GLY A 110 8.49 -15.05 -11.56
C GLY A 110 7.09 -15.61 -11.64
N ASN A 111 6.10 -14.86 -11.21
CA ASN A 111 4.72 -15.33 -11.35
CA ASN A 111 4.70 -15.30 -11.17
C ASN A 111 3.76 -14.22 -11.67
N TRP A 112 2.60 -14.59 -12.20
CA TRP A 112 1.61 -13.63 -12.59
C TRP A 112 0.88 -13.12 -11.32
N LYS A 113 0.93 -11.83 -11.14
CA LYS A 113 0.28 -11.17 -10.00
C LYS A 113 -0.60 -9.99 -10.43
N VAL A 114 -1.75 -9.83 -9.77
CA VAL A 114 -2.61 -8.70 -9.99
C VAL A 114 -2.02 -7.44 -9.39
N ILE A 115 -1.81 -6.43 -10.21
CA ILE A 115 -1.32 -5.13 -9.77
C ILE A 115 -2.37 -4.00 -9.70
N ALA A 116 -3.54 -4.20 -10.33
CA ALA A 116 -4.57 -3.20 -10.42
C ALA A 116 -5.88 -3.82 -10.82
N GLY A 117 -6.98 -3.24 -10.38
CA GLY A 117 -8.25 -3.65 -10.88
C GLY A 117 -9.40 -2.79 -10.43
N SER A 118 -10.57 -3.10 -10.99
CA SER A 118 -11.79 -2.45 -10.56
C SER A 118 -12.99 -3.37 -10.78
N CYS A 119 -14.04 -3.06 -10.03
CA CYS A 119 -15.30 -3.82 -10.02
C CYS A 119 -16.42 -2.85 -10.33
N THR A 120 -17.13 -3.07 -11.44
CA THR A 120 -18.21 -2.18 -11.88
C THR A 120 -19.54 -2.90 -11.74
N ALA A 121 -20.47 -2.32 -11.00
CA ALA A 121 -21.77 -2.90 -10.80
C ALA A 121 -22.67 -2.58 -11.99
N ILE A 122 -23.56 -3.50 -12.29
CA ILE A 122 -24.58 -3.32 -13.34
CA ILE A 122 -24.57 -3.32 -13.35
C ILE A 122 -25.83 -2.79 -12.62
N GLY A 123 -26.16 -1.51 -12.88
CA GLY A 123 -27.29 -0.79 -12.23
C GLY A 123 -26.90 -0.19 -10.88
N ASN B 3 11.24 13.33 -10.28
CA ASN B 3 11.06 11.95 -9.79
C ASN B 3 9.88 11.25 -10.49
N GLN B 4 9.80 9.94 -10.30
CA GLN B 4 8.80 9.11 -11.00
C GLN B 4 7.35 9.48 -10.70
N ARG B 5 7.05 9.78 -9.44
CA ARG B 5 5.72 10.23 -9.03
C ARG B 5 5.37 11.54 -9.75
N ASP B 6 6.30 12.49 -9.71
CA ASP B 6 6.12 13.79 -10.39
C ASP B 6 6.02 13.62 -11.91
N VAL B 7 6.77 12.66 -12.50
CA VAL B 7 6.62 12.39 -13.94
C VAL B 7 5.20 11.93 -14.29
N ILE B 8 4.65 11.00 -13.52
CA ILE B 8 3.30 10.50 -13.78
C ILE B 8 2.25 11.58 -13.56
N LEU B 9 2.44 12.41 -12.55
CA LEU B 9 1.51 13.52 -12.33
C LEU B 9 1.51 14.51 -13.50
N ASP B 10 2.68 14.71 -14.13
CA ASP B 10 2.80 15.51 -15.34
C ASP B 10 2.09 14.81 -16.51
N CYS B 11 2.29 13.50 -16.65
CA CYS B 11 1.57 12.73 -17.69
C CYS B 11 0.03 12.83 -17.54
N GLU B 12 -0.42 12.72 -16.29
CA GLU B 12 -1.81 12.91 -15.95
C GLU B 12 -2.33 14.30 -16.41
N LYS B 13 -1.60 15.37 -16.10
CA LYS B 13 -1.98 16.74 -16.48
C LYS B 13 -2.10 16.88 -18.00
N LYS B 14 -1.13 16.30 -18.73
CA LYS B 14 -1.17 16.29 -20.19
C LYS B 14 -2.37 15.52 -20.73
N LEU B 15 -2.66 14.35 -20.14
CA LEU B 15 -3.83 13.55 -20.52
C LEU B 15 -5.12 14.28 -20.29
N LEU B 16 -5.28 14.85 -19.10
CA LEU B 16 -6.52 15.56 -18.79
C LEU B 16 -6.71 16.83 -19.63
N THR B 17 -5.62 17.55 -19.93
CA THR B 17 -5.62 18.69 -20.86
C THR B 17 -6.03 18.23 -22.28
N ALA B 18 -5.51 17.08 -22.74
CA ALA B 18 -5.87 16.56 -24.08
C ALA B 18 -7.36 16.25 -24.16
N ILE B 19 -7.88 15.62 -23.12
CA ILE B 19 -9.29 15.24 -23.01
C ILE B 19 -10.20 16.45 -23.02
N GLN B 20 -9.84 17.45 -22.22
CA GLN B 20 -10.61 18.67 -22.11
C GLN B 20 -10.64 19.46 -23.43
N ASN B 21 -9.58 19.38 -24.21
CA ASN B 21 -9.45 20.10 -25.47
C ASN B 21 -9.64 19.23 -26.73
N ASN B 22 -10.13 18.00 -26.61
CA ASN B 22 -10.27 17.08 -27.78
C ASN B 22 -9.00 17.01 -28.65
N ASP B 23 -7.84 16.97 -27.99
CA ASP B 23 -6.55 16.91 -28.69
C ASP B 23 -6.30 15.44 -28.97
N VAL B 24 -6.87 14.98 -30.08
CA VAL B 24 -6.80 13.57 -30.52
CA VAL B 24 -6.79 13.55 -30.45
C VAL B 24 -5.39 13.09 -30.86
N GLU B 25 -4.56 14.02 -31.31
CA GLU B 25 -3.17 13.78 -31.69
C GLU B 25 -2.38 13.40 -30.40
N SER B 26 -2.66 14.10 -29.31
CA SER B 26 -2.05 13.81 -28.02
C SER B 26 -2.56 12.48 -27.49
N LEU B 27 -3.88 12.27 -27.56
CA LEU B 27 -4.46 10.99 -27.11
C LEU B 27 -3.90 9.78 -27.88
N GLU B 28 -3.65 9.94 -29.18
CA GLU B 28 -3.05 8.86 -29.99
CA GLU B 28 -3.03 8.88 -30.01
C GLU B 28 -1.69 8.46 -29.40
N VAL B 29 -0.95 9.41 -28.87
CA VAL B 29 0.36 9.11 -28.25
C VAL B 29 0.27 8.61 -26.80
N LEU B 30 -0.61 9.22 -26.00
CA LEU B 30 -0.73 8.89 -24.56
C LEU B 30 -1.46 7.58 -24.23
N LEU B 31 -2.40 7.17 -25.08
CA LEU B 31 -3.13 5.92 -24.93
C LEU B 31 -2.42 4.82 -25.73
N HIS B 32 -2.20 3.70 -25.08
CA HIS B 32 -1.58 2.54 -25.76
C HIS B 32 -2.61 1.91 -26.68
N ASP B 33 -2.19 1.44 -27.86
CA ASP B 33 -3.10 0.83 -28.83
C ASP B 33 -3.94 -0.30 -28.29
N ASP B 34 -3.38 -1.09 -27.37
CA ASP B 34 -4.05 -2.27 -26.83
C ASP B 34 -4.70 -2.10 -25.48
N LEU B 35 -5.00 -0.87 -25.09
CA LEU B 35 -5.65 -0.68 -23.80
C LEU B 35 -7.08 -1.19 -23.76
N LEU B 36 -7.57 -1.44 -22.54
CA LEU B 36 -8.99 -1.66 -22.30
C LEU B 36 -9.44 -0.70 -21.24
N PHE B 37 -10.61 -0.11 -21.42
CA PHE B 37 -11.24 0.78 -20.44
CA PHE B 37 -11.21 0.75 -20.44
C PHE B 37 -12.62 0.26 -20.08
N ILE B 38 -13.00 0.35 -18.80
CA ILE B 38 -14.38 0.00 -18.36
CA ILE B 38 -14.38 0.00 -18.42
C ILE B 38 -15.09 1.31 -18.05
N ILE B 39 -16.33 1.47 -18.55
CA ILE B 39 -17.11 2.70 -18.31
C ILE B 39 -18.28 2.36 -17.39
N PRO B 40 -18.99 3.40 -16.84
CA PRO B 40 -20.05 3.11 -15.86
C PRO B 40 -21.15 2.11 -16.21
N SER B 41 -21.46 1.97 -17.51
CA SER B 41 -22.46 1.01 -17.97
C SER B 41 -21.96 -0.45 -17.89
N GLY B 42 -20.67 -0.64 -17.61
CA GLY B 42 -20.07 -1.95 -17.65
C GLY B 42 -19.45 -2.33 -18.98
N GLU B 43 -19.58 -1.48 -20.01
CA GLU B 43 -19.02 -1.78 -21.31
C GLU B 43 -17.52 -1.61 -21.31
N THR B 44 -16.88 -2.39 -22.19
CA THR B 44 -15.42 -2.35 -22.39
C THR B 44 -15.16 -1.52 -23.65
N VAL B 45 -14.30 -0.52 -23.52
CA VAL B 45 -13.97 0.40 -24.59
C VAL B 45 -12.49 0.24 -24.98
N THR B 46 -12.24 0.25 -26.31
CA THR B 46 -10.93 0.17 -26.90
C THR B 46 -10.41 1.57 -27.24
N LYS B 47 -9.11 1.66 -27.50
CA LYS B 47 -8.54 2.94 -27.96
C LYS B 47 -9.23 3.50 -29.20
N GLU B 48 -9.48 2.65 -30.20
CA GLU B 48 -10.16 3.07 -31.44
C GLU B 48 -11.50 3.71 -31.15
N THR B 49 -12.31 3.03 -30.34
CA THR B 49 -13.64 3.54 -29.98
C THR B 49 -13.59 4.84 -29.22
N ASP B 50 -12.66 4.92 -28.28
CA ASP B 50 -12.47 6.11 -27.47
C ASP B 50 -12.03 7.32 -28.33
N ILE B 51 -11.00 7.13 -29.16
CA ILE B 51 -10.54 8.21 -30.06
C ILE B 51 -11.64 8.64 -31.05
N ALA B 52 -12.38 7.67 -31.58
CA ALA B 52 -13.50 7.95 -32.46
C ALA B 52 -14.55 8.88 -31.79
N ALA B 53 -14.82 8.69 -30.50
CA ALA B 53 -15.74 9.54 -29.75
C ALA B 53 -15.23 10.99 -29.68
N TYR B 54 -13.95 11.19 -29.34
CA TYR B 54 -13.38 12.54 -29.31
C TYR B 54 -13.30 13.20 -30.70
N SER B 55 -13.00 12.39 -31.72
CA SER B 55 -12.92 12.86 -33.11
C SER B 55 -14.29 13.23 -33.65
N SER B 56 -15.36 12.61 -33.12
CA SER B 56 -16.75 12.89 -33.55
C SER B 56 -17.26 14.31 -33.28
N GLY B 57 -16.62 15.03 -32.34
CA GLY B 57 -17.07 16.36 -31.92
C GLY B 57 -18.23 16.35 -30.91
N LYS B 58 -18.71 15.16 -30.52
CA LYS B 58 -19.85 15.02 -29.59
C LYS B 58 -19.43 15.07 -28.11
N ILE B 59 -18.14 15.20 -27.84
CA ILE B 59 -17.60 15.34 -26.47
C ILE B 59 -17.04 16.77 -26.40
N ALA B 60 -17.61 17.60 -25.51
CA ALA B 60 -17.20 18.98 -25.36
C ALA B 60 -17.15 19.29 -23.87
N LEU B 61 -16.02 19.00 -23.26
CA LEU B 61 -15.83 19.16 -21.82
C LEU B 61 -15.33 20.55 -21.44
N ARG B 62 -16.01 21.19 -20.48
CA ARG B 62 -15.61 22.50 -19.99
C ARG B 62 -14.57 22.39 -18.91
N ALA B 63 -14.73 21.43 -17.99
CA ALA B 63 -13.83 21.29 -16.85
C ALA B 63 -13.59 19.83 -16.56
N VAL B 64 -12.33 19.45 -16.31
CA VAL B 64 -11.92 18.09 -15.96
C VAL B 64 -10.91 18.26 -14.79
N VAL B 65 -11.42 18.17 -13.55
CA VAL B 65 -10.66 18.53 -12.36
C VAL B 65 -10.30 17.34 -11.44
N PRO B 66 -9.00 17.01 -11.30
CA PRO B 66 -8.52 15.91 -10.49
C PRO B 66 -8.24 16.31 -9.02
N SER B 67 -8.32 15.35 -8.12
CA SER B 67 -7.97 15.51 -6.72
C SER B 67 -7.78 14.17 -6.06
N ASP B 68 -7.12 14.20 -4.91
CA ASP B 68 -6.99 13.04 -4.09
C ASP B 68 -6.30 11.85 -4.79
N TYR B 69 -5.22 12.13 -5.50
CA TYR B 69 -4.44 11.06 -6.13
C TYR B 69 -3.95 10.05 -5.09
N ILE B 70 -4.07 8.77 -5.42
CA ILE B 70 -3.48 7.63 -4.69
C ILE B 70 -2.73 6.83 -5.77
N ILE B 71 -1.43 6.68 -5.57
CA ILE B 71 -0.52 6.15 -6.57
C ILE B 71 0.33 5.03 -5.99
N ARG B 72 0.57 4.01 -6.83
CA ARG B 72 1.50 2.90 -6.52
C ARG B 72 2.48 2.73 -7.69
N ILE B 73 3.78 2.68 -7.40
CA ILE B 73 4.84 2.55 -8.38
C ILE B 73 5.34 1.11 -8.31
N ILE B 74 5.29 0.41 -9.46
CA ILE B 74 5.65 -1.01 -9.55
C ILE B 74 6.59 -1.15 -10.74
N HIS B 75 7.86 -0.87 -10.51
CA HIS B 75 8.88 -0.92 -11.56
C HIS B 75 8.54 -0.02 -12.73
N ASP B 76 8.23 -0.55 -13.92
CA ASP B 76 7.97 0.29 -15.09
C ASP B 76 6.51 0.65 -15.26
N THR B 77 5.71 0.40 -14.22
CA THR B 77 4.26 0.60 -14.22
C THR B 77 3.83 1.40 -13.01
N VAL B 78 2.87 2.29 -13.20
CA VAL B 78 2.32 3.12 -12.15
C VAL B 78 0.80 3.00 -12.17
N VAL B 79 0.23 2.70 -11.02
CA VAL B 79 -1.19 2.51 -10.84
C VAL B 79 -1.70 3.79 -10.18
N VAL B 80 -2.74 4.37 -10.76
CA VAL B 80 -3.32 5.60 -10.30
C VAL B 80 -4.80 5.47 -10.01
N SER B 81 -5.20 5.95 -8.84
CA SER B 81 -6.59 6.10 -8.43
C SER B 81 -6.82 7.63 -8.18
N VAL B 82 -7.85 8.24 -8.75
CA VAL B 82 -8.07 9.69 -8.66
C VAL B 82 -9.55 10.10 -8.72
N ASN B 83 -9.90 11.14 -7.97
CA ASN B 83 -11.24 11.73 -8.02
C ASN B 83 -11.23 12.73 -9.17
N ILE B 84 -12.19 12.61 -10.09
CA ILE B 84 -12.29 13.53 -11.24
C ILE B 84 -13.67 14.10 -11.33
N GLU B 85 -13.77 15.43 -11.33
CA GLU B 85 -15.07 16.09 -11.50
CA GLU B 85 -15.05 16.15 -11.49
C GLU B 85 -15.11 16.63 -12.94
N ILE B 86 -16.17 16.28 -13.66
CA ILE B 86 -16.30 16.63 -15.07
C ILE B 86 -17.59 17.41 -15.33
N LYS B 87 -17.44 18.50 -16.10
CA LYS B 87 -18.57 19.33 -16.53
C LYS B 87 -18.44 19.48 -18.04
N GLY B 88 -19.53 19.24 -18.75
CA GLY B 88 -19.51 19.40 -20.19
C GLY B 88 -20.53 18.54 -20.87
N GLU B 89 -20.41 18.41 -22.18
CA GLU B 89 -21.30 17.55 -22.98
C GLU B 89 -20.55 16.29 -23.34
N TYR B 90 -21.21 15.15 -23.12
CA TYR B 90 -20.61 13.83 -23.40
C TYR B 90 -21.62 12.97 -24.15
N GLU B 92 -24.73 12.01 -25.78
CA GLU B 92 -26.05 12.57 -25.52
C GLU B 92 -26.33 12.84 -24.02
N HIS B 93 -25.27 12.92 -23.21
CA HIS B 93 -25.41 13.24 -21.80
C HIS B 93 -24.72 14.58 -21.49
N THR B 94 -25.34 15.37 -20.62
CA THR B 94 -24.75 16.59 -20.08
C THR B 94 -24.16 16.13 -18.76
N LEU B 95 -22.85 16.31 -18.60
CA LEU B 95 -22.17 15.98 -17.36
C LEU B 95 -22.00 17.18 -16.39
N ASP B 96 -22.20 16.88 -15.11
CA ASP B 96 -21.83 17.73 -13.98
C ASP B 96 -21.72 16.72 -12.83
N ASN B 97 -20.62 15.96 -12.88
CA ASN B 97 -20.53 14.74 -12.08
C ASN B 97 -19.14 14.44 -11.59
N THR B 98 -19.10 13.59 -10.56
CA THR B 98 -17.85 13.15 -9.94
C THR B 98 -17.66 11.66 -10.24
N PHE B 99 -16.41 11.30 -10.48
CA PHE B 99 -16.02 9.96 -10.82
C PHE B 99 -14.75 9.56 -10.10
N ARG B 100 -14.60 8.25 -9.85
CA ARG B 100 -13.29 7.72 -9.42
C ARG B 100 -12.71 6.95 -10.61
N TYR B 101 -11.55 7.41 -11.07
CA TYR B 101 -10.84 6.78 -12.17
C TYR B 101 -9.69 5.95 -11.67
N LEU B 102 -9.53 4.79 -12.32
CA LEU B 102 -8.37 3.96 -12.21
C LEU B 102 -7.66 4.14 -13.56
N ARG B 103 -6.33 4.33 -13.52
CA ARG B 103 -5.49 4.32 -14.73
C ARG B 103 -4.24 3.58 -14.42
N VAL B 104 -3.75 2.80 -15.39
CA VAL B 104 -2.47 2.10 -15.28
C VAL B 104 -1.59 2.61 -16.42
N TRP B 105 -0.48 3.26 -16.03
CA TRP B 105 0.53 3.80 -16.94
C TRP B 105 1.73 2.84 -16.99
N LYS B 106 2.29 2.66 -18.18
CA LYS B 106 3.49 1.80 -18.36
C LYS B 106 4.45 2.45 -19.37
N LEU B 107 5.73 2.21 -19.15
CA LEU B 107 6.79 2.76 -19.98
C LEU B 107 7.04 1.89 -21.21
N PHE B 108 7.08 2.55 -22.37
CA PHE B 108 7.38 1.94 -23.67
C PHE B 108 8.55 2.72 -24.24
N ASP B 109 9.75 2.16 -24.03
CA ASP B 109 11.00 2.73 -24.48
C ASP B 109 11.04 4.24 -24.21
N GLY B 110 10.91 4.54 -22.93
CA GLY B 110 10.93 5.91 -22.43
C GLY B 110 9.68 6.76 -22.47
N ASN B 111 8.61 6.26 -23.08
CA ASN B 111 7.35 6.98 -23.19
C ASN B 111 6.27 6.31 -22.37
N TRP B 112 5.65 7.09 -21.49
CA TRP B 112 4.56 6.58 -20.63
C TRP B 112 3.24 6.55 -21.41
N LYS B 113 2.53 5.42 -21.32
CA LYS B 113 1.26 5.26 -22.01
C LYS B 113 0.26 4.55 -21.09
N VAL B 114 -1.01 4.91 -21.26
CA VAL B 114 -2.11 4.32 -20.52
C VAL B 114 -2.46 2.97 -21.16
N ILE B 115 -2.39 1.92 -20.35
CA ILE B 115 -2.74 0.53 -20.82
C ILE B 115 -4.07 -0.04 -20.32
N ALA B 116 -4.68 0.58 -19.32
CA ALA B 116 -5.88 0.09 -18.72
C ALA B 116 -6.47 1.16 -17.83
N GLY B 117 -7.79 1.09 -17.67
CA GLY B 117 -8.45 1.97 -16.74
C GLY B 117 -9.91 1.77 -16.63
N SER B 118 -10.53 2.54 -15.74
CA SER B 118 -11.97 2.48 -15.56
C SER B 118 -12.46 3.76 -14.90
N CYS B 119 -13.75 4.00 -15.09
CA CYS B 119 -14.46 5.16 -14.61
C CYS B 119 -15.64 4.69 -13.77
N THR B 120 -15.69 5.09 -12.50
CA THR B 120 -16.74 4.72 -11.57
C THR B 120 -17.50 5.96 -11.15
N ALA B 121 -18.82 5.98 -11.35
CA ALA B 121 -19.61 7.11 -10.99
C ALA B 121 -19.77 7.19 -9.47
N ILE B 122 -19.52 8.38 -8.90
CA ILE B 122 -19.70 8.63 -7.45
C ILE B 122 -20.90 9.54 -7.24
N ASN C 3 -11.01 -12.05 15.88
CA ASN C 3 -10.32 -11.23 14.83
C ASN C 3 -9.51 -10.12 15.49
N GLN C 4 -8.25 -10.42 15.79
CA GLN C 4 -7.32 -9.49 16.42
CA GLN C 4 -7.36 -9.47 16.43
C GLN C 4 -7.07 -8.27 15.53
N ARG C 5 -7.13 -8.45 14.21
CA ARG C 5 -6.92 -7.35 13.27
CA ARG C 5 -6.90 -7.33 13.29
C ARG C 5 -7.98 -6.26 13.45
N ASP C 6 -9.24 -6.66 13.53
CA ASP C 6 -10.32 -5.73 13.75
C ASP C 6 -10.20 -5.04 15.11
N VAL C 7 -9.75 -5.80 16.12
CA VAL C 7 -9.55 -5.26 17.48
C VAL C 7 -8.51 -4.18 17.40
N ILE C 8 -7.40 -4.47 16.74
CA ILE C 8 -6.31 -3.48 16.61
C ILE C 8 -6.77 -2.26 15.79
N LEU C 9 -7.60 -2.48 14.74
CA LEU C 9 -8.14 -1.30 13.99
C LEU C 9 -9.00 -0.38 14.91
N ASP C 10 -9.71 -0.99 15.85
CA ASP C 10 -10.49 -0.19 16.80
C ASP C 10 -9.56 0.52 17.78
N CYS C 11 -8.50 -0.15 18.26
CA CYS C 11 -7.49 0.49 19.12
C CYS C 11 -6.83 1.70 18.44
N GLU C 12 -6.50 1.52 17.16
CA GLU C 12 -5.97 2.59 16.32
C GLU C 12 -6.95 3.77 16.22
N LYS C 13 -8.21 3.47 15.99
CA LYS C 13 -9.22 4.54 15.89
C LYS C 13 -9.32 5.34 17.21
N LYS C 14 -9.24 4.66 18.36
CA LYS C 14 -9.30 5.32 19.68
C LYS C 14 -8.07 6.16 19.90
N LEU C 15 -6.92 5.63 19.49
CA LEU C 15 -5.67 6.36 19.61
C LEU C 15 -5.68 7.65 18.77
N LEU C 16 -6.08 7.57 17.50
CA LEU C 16 -6.06 8.78 16.65
C LEU C 16 -7.08 9.87 17.12
N THR C 17 -8.24 9.43 17.59
CA THR C 17 -9.26 10.30 18.16
C THR C 17 -8.67 11.04 19.37
N ALA C 18 -7.99 10.29 20.24
CA ALA C 18 -7.37 10.84 21.47
C ALA C 18 -6.28 11.87 21.13
N ILE C 19 -5.46 11.57 20.13
CA ILE C 19 -4.43 12.50 19.63
C ILE C 19 -5.03 13.80 19.07
N GLN C 20 -6.02 13.65 18.18
CA GLN C 20 -6.71 14.78 17.58
C GLN C 20 -7.35 15.67 18.66
N ASN C 21 -8.01 15.04 19.64
CA ASN C 21 -8.64 15.76 20.76
C ASN C 21 -7.72 16.18 21.95
N ASN C 22 -6.41 15.90 21.90
CA ASN C 22 -5.47 16.15 23.03
C ASN C 22 -5.98 15.54 24.34
N ASP C 23 -6.58 14.37 24.21
CA ASP C 23 -7.20 13.63 25.31
C ASP C 23 -6.11 12.84 26.02
N VAL C 24 -5.44 13.54 26.92
CA VAL C 24 -4.34 12.99 27.70
C VAL C 24 -4.75 11.80 28.59
N GLU C 25 -5.95 11.84 29.16
CA GLU C 25 -6.41 10.72 30.01
C GLU C 25 -6.47 9.39 29.23
N SER C 26 -6.94 9.44 27.98
CA SER C 26 -6.98 8.25 27.11
C SER C 26 -5.57 7.78 26.71
N LEU C 27 -4.70 8.74 26.41
CA LEU C 27 -3.30 8.45 26.03
C LEU C 27 -2.55 7.79 27.19
N GLU C 28 -2.87 8.17 28.41
CA GLU C 28 -2.27 7.56 29.60
C GLU C 28 -2.59 6.03 29.69
N VAL C 29 -3.77 5.64 29.21
CA VAL C 29 -4.17 4.24 29.19
C VAL C 29 -3.61 3.52 27.96
N LEU C 30 -3.71 4.13 26.79
CA LEU C 30 -3.29 3.50 25.53
C LEU C 30 -1.79 3.36 25.31
N LEU C 31 -1.01 4.24 25.93
CA LEU C 31 0.44 4.21 25.79
C LEU C 31 1.07 3.46 26.98
N HIS C 32 1.94 2.48 26.70
CA HIS C 32 2.64 1.74 27.76
C HIS C 32 3.71 2.64 28.41
N ASP C 33 3.82 2.57 29.73
CA ASP C 33 4.83 3.39 30.44
C ASP C 33 6.26 3.36 29.88
N ASP C 34 6.70 2.21 29.39
CA ASP C 34 8.09 1.98 28.92
C ASP C 34 8.25 2.04 27.43
N LEU C 35 7.33 2.70 26.75
CA LEU C 35 7.49 2.85 25.31
C LEU C 35 8.67 3.74 24.90
N LEU C 36 9.11 3.55 23.67
CA LEU C 36 10.06 4.46 22.98
C LEU C 36 9.49 4.76 21.59
N PHE C 37 9.51 6.03 21.23
CA PHE C 37 9.03 6.52 19.93
C PHE C 37 10.18 7.28 19.29
N ILE C 38 10.35 7.13 17.99
CA ILE C 38 11.35 7.90 17.22
C ILE C 38 10.57 8.89 16.32
N ILE C 39 11.03 10.15 16.29
CA ILE C 39 10.38 11.23 15.54
C ILE C 39 11.32 11.63 14.38
N PRO C 40 10.83 12.41 13.38
CA PRO C 40 11.66 12.75 12.21
C PRO C 40 13.00 13.45 12.46
N SER C 41 13.17 14.16 13.58
CA SER C 41 14.48 14.76 13.93
C SER C 41 15.54 13.71 14.35
N GLY C 42 15.11 12.48 14.58
CA GLY C 42 15.99 11.44 15.06
C GLY C 42 15.92 11.28 16.57
N GLU C 43 15.24 12.18 17.26
CA GLU C 43 15.05 12.01 18.70
C GLU C 43 14.17 10.81 19.12
N THR C 44 14.52 10.28 20.28
CA THR C 44 13.77 9.23 20.91
C THR C 44 12.95 9.87 22.03
N VAL C 45 11.63 9.63 22.02
CA VAL C 45 10.68 10.20 22.97
C VAL C 45 10.06 9.10 23.88
N THR C 46 9.93 9.44 25.15
CA THR C 46 9.33 8.56 26.15
C THR C 46 7.85 8.90 26.28
N LYS C 47 7.09 8.06 26.96
CA LYS C 47 5.68 8.34 27.23
C LYS C 47 5.48 9.69 27.92
N GLU C 48 6.31 9.99 28.90
CA GLU C 48 6.22 11.23 29.68
C GLU C 48 6.38 12.45 28.77
N THR C 49 7.43 12.42 27.93
CA THR C 49 7.70 13.51 27.00
C THR C 49 6.58 13.62 25.97
N ASP C 50 6.14 12.49 25.42
CA ASP C 50 5.03 12.46 24.43
C ASP C 50 3.74 13.11 25.02
N ILE C 51 3.33 12.64 26.20
CA ILE C 51 2.09 13.13 26.85
C ILE C 51 2.19 14.60 27.28
N ALA C 52 3.36 15.01 27.76
CA ALA C 52 3.61 16.42 28.12
C ALA C 52 3.44 17.36 26.92
N ALA C 53 3.80 16.91 25.71
CA ALA C 53 3.63 17.69 24.48
C ALA C 53 2.16 18.02 24.19
N TYR C 54 1.26 17.08 24.43
CA TYR C 54 -0.20 17.32 24.26
C TYR C 54 -0.74 18.24 25.36
N SER C 55 -0.15 18.17 26.55
CA SER C 55 -0.52 19.01 27.70
C SER C 55 -0.10 20.48 27.54
N SER C 56 0.87 20.75 26.69
CA SER C 56 1.34 22.11 26.41
C SER C 56 0.35 22.95 25.63
N GLY C 57 -0.45 22.30 24.78
CA GLY C 57 -1.30 22.98 23.83
C GLY C 57 -0.44 23.33 22.60
N LYS C 58 0.69 22.64 22.43
CA LYS C 58 1.59 22.78 21.30
C LYS C 58 1.41 21.64 20.27
N ILE C 59 0.40 20.79 20.50
CA ILE C 59 -0.01 19.71 19.60
C ILE C 59 -1.48 19.99 19.29
N ALA C 60 -1.75 20.69 18.18
CA ALA C 60 -3.12 21.08 17.77
C ALA C 60 -3.49 20.56 16.37
N LEU C 61 -4.04 19.35 16.30
CA LEU C 61 -4.36 18.66 15.03
C LEU C 61 -5.84 18.75 14.56
N ARG C 62 -6.09 19.42 13.43
CA ARG C 62 -7.43 19.52 12.84
C ARG C 62 -7.90 18.22 12.13
N ALA C 63 -6.97 17.42 11.60
CA ALA C 63 -7.29 16.17 10.92
C ALA C 63 -6.11 15.23 11.02
N VAL C 64 -6.40 13.97 11.33
CA VAL C 64 -5.42 12.89 11.39
C VAL C 64 -6.11 11.74 10.64
N VAL C 65 -5.75 11.56 9.36
CA VAL C 65 -6.45 10.62 8.48
C VAL C 65 -5.59 9.43 8.07
N PRO C 66 -5.95 8.20 8.53
CA PRO C 66 -5.18 7.00 8.19
C PRO C 66 -5.65 6.30 6.92
N SER C 67 -4.72 5.56 6.29
CA SER C 67 -5.02 4.76 5.11
C SER C 67 -3.88 3.76 4.89
N ASP C 68 -4.13 2.77 4.03
CA ASP C 68 -3.13 1.78 3.67
C ASP C 68 -2.54 1.04 4.89
N TYR C 69 -3.38 0.73 5.87
CA TYR C 69 -2.93 -0.09 6.98
C TYR C 69 -2.26 -1.40 6.51
N ILE C 70 -1.08 -1.71 7.09
CA ILE C 70 -0.35 -2.96 6.87
C ILE C 70 -0.14 -3.50 8.29
N ILE C 71 -0.64 -4.72 8.55
CA ILE C 71 -0.75 -5.24 9.92
C ILE C 71 -0.26 -6.65 9.96
N ARG C 72 0.54 -6.96 11.00
CA ARG C 72 1.07 -8.31 11.24
C ARG C 72 0.78 -8.72 12.68
N ILE C 73 0.08 -9.84 12.84
CA ILE C 73 -0.30 -10.38 14.15
C ILE C 73 0.74 -11.43 14.55
N ILE C 74 1.37 -11.20 15.70
CA ILE C 74 2.44 -12.06 16.23
C ILE C 74 2.08 -12.41 17.65
N HIS C 75 1.14 -13.34 17.80
CA HIS C 75 0.72 -13.79 19.12
C HIS C 75 0.11 -12.67 19.98
N ASP C 76 0.76 -12.26 21.06
CA ASP C 76 0.24 -11.17 21.94
C ASP C 76 0.65 -9.76 21.50
N THR C 77 1.19 -9.66 20.29
CA THR C 77 1.75 -8.41 19.78
C THR C 77 1.28 -8.21 18.34
N VAL C 78 0.94 -6.96 17.99
CA VAL C 78 0.51 -6.60 16.65
C VAL C 78 1.36 -5.44 16.14
N VAL C 79 1.97 -5.63 14.96
CA VAL C 79 2.81 -4.60 14.34
C VAL C 79 1.95 -3.90 13.26
N VAL C 80 1.96 -2.57 13.28
CA VAL C 80 1.11 -1.71 12.42
C VAL C 80 1.95 -0.69 11.67
N SER C 81 1.76 -0.64 10.35
CA SER C 81 2.36 0.43 9.52
C SER C 81 1.17 1.09 8.85
N VAL C 82 1.16 2.42 8.81
CA VAL C 82 0.03 3.22 8.25
C VAL C 82 0.44 4.59 7.70
N ASN C 83 -0.23 5.01 6.62
CA ASN C 83 -0.06 6.31 6.02
C ASN C 83 -1.00 7.24 6.78
N ILE C 84 -0.47 8.36 7.28
CA ILE C 84 -1.25 9.34 8.09
C ILE C 84 -1.07 10.72 7.50
N GLU C 85 -2.18 11.33 7.12
CA GLU C 85 -2.19 12.71 6.61
CA GLU C 85 -2.24 12.70 6.60
C GLU C 85 -2.66 13.58 7.77
N ILE C 86 -1.85 14.59 8.10
CA ILE C 86 -2.14 15.46 9.23
C ILE C 86 -2.26 16.93 8.79
N LYS C 87 -3.36 17.56 9.21
CA LYS C 87 -3.59 18.98 9.03
C LYS C 87 -3.67 19.50 10.46
N GLY C 88 -2.77 20.40 10.83
CA GLY C 88 -2.77 20.94 12.18
C GLY C 88 -1.57 21.80 12.51
N GLU C 89 -1.43 22.10 13.80
CA GLU C 89 -0.30 22.86 14.34
C GLU C 89 0.46 21.92 15.26
N TYR C 90 1.72 21.68 14.95
CA TYR C 90 2.62 20.87 15.77
C TYR C 90 3.79 21.82 16.02
N GLU C 92 5.55 25.04 16.23
CA GLU C 92 5.24 26.28 15.53
C GLU C 92 4.95 26.10 14.04
N HIS C 93 4.94 24.85 13.57
CA HIS C 93 4.75 24.56 12.14
C HIS C 93 3.29 24.32 11.88
N THR C 94 2.79 24.84 10.77
CA THR C 94 1.45 24.48 10.31
C THR C 94 1.71 23.20 9.52
N LEU C 95 0.97 22.14 9.81
CA LEU C 95 1.09 20.86 9.11
C LEU C 95 -0.02 20.68 8.08
N ASP C 96 0.33 20.07 6.95
CA ASP C 96 -0.61 19.64 5.89
C ASP C 96 0.28 18.64 5.13
N ASN C 97 0.65 17.61 5.89
CA ASN C 97 1.71 16.71 5.50
C ASN C 97 1.38 15.26 5.72
N THR C 98 2.15 14.40 5.04
CA THR C 98 1.97 12.94 5.09
C THR C 98 3.14 12.28 5.80
N PHE C 99 2.80 11.27 6.58
CA PHE C 99 3.75 10.52 7.33
C PHE C 99 3.48 9.02 7.24
N ARG C 100 4.54 8.23 7.43
CA ARG C 100 4.37 6.81 7.63
C ARG C 100 4.68 6.52 9.10
N TYR C 101 3.67 6.03 9.81
CA TYR C 101 3.83 5.65 11.20
C TYR C 101 3.98 4.14 11.35
N LEU C 102 4.86 3.76 12.26
CA LEU C 102 5.00 2.40 12.76
C LEU C 102 4.51 2.42 14.20
N ARG C 103 3.66 1.47 14.58
CA ARG C 103 3.28 1.22 15.98
C ARG C 103 3.30 -0.26 16.29
N VAL C 104 3.78 -0.58 17.49
CA VAL C 104 3.75 -1.95 18.01
C VAL C 104 2.82 -1.95 19.25
N TRP C 105 1.74 -2.73 19.13
CA TRP C 105 0.77 -2.93 20.22
C TRP C 105 1.01 -4.27 20.91
N LYS C 106 0.81 -4.32 22.23
CA LYS C 106 1.01 -5.56 22.98
C LYS C 106 -0.06 -5.64 24.06
N LEU C 107 -0.43 -6.87 24.41
CA LEU C 107 -1.52 -7.14 25.36
C LEU C 107 -1.01 -7.16 26.83
N PHE C 108 -1.65 -6.38 27.70
CA PHE C 108 -1.33 -6.29 29.12
C PHE C 108 -2.63 -6.49 29.89
N ASP C 109 -2.83 -7.70 30.41
CA ASP C 109 -4.03 -8.06 31.19
C ASP C 109 -5.33 -7.71 30.47
N GLY C 110 -5.40 -8.11 29.21
CA GLY C 110 -6.55 -7.86 28.35
C GLY C 110 -6.66 -6.49 27.69
N ASN C 111 -5.70 -5.60 27.94
CA ASN C 111 -5.71 -4.25 27.37
C ASN C 111 -4.53 -4.07 26.41
N TRP C 112 -4.82 -3.62 25.18
CA TRP C 112 -3.79 -3.38 24.18
C TRP C 112 -3.15 -2.01 24.42
N LYS C 113 -1.81 -1.97 24.43
CA LYS C 113 -1.07 -0.75 24.65
C LYS C 113 0.08 -0.60 23.67
N VAL C 114 0.38 0.64 23.30
CA VAL C 114 1.49 0.92 22.40
C VAL C 114 2.79 0.82 23.16
N ILE C 115 3.71 -0.04 22.70
CA ILE C 115 5.05 -0.16 23.35
C ILE C 115 6.23 0.42 22.56
N ALA C 116 6.00 0.76 21.29
CA ALA C 116 7.06 1.28 20.41
C ALA C 116 6.46 1.88 19.16
N GLY C 117 7.20 2.78 18.55
CA GLY C 117 6.76 3.29 17.26
C GLY C 117 7.65 4.36 16.71
N SER C 118 7.30 4.81 15.52
CA SER C 118 8.04 5.86 14.89
C SER C 118 7.19 6.59 13.84
N CYS C 119 7.65 7.78 13.51
CA CYS C 119 7.03 8.69 12.52
C CYS C 119 8.07 9.06 11.50
N THR C 120 7.77 8.75 10.23
CA THR C 120 8.61 9.06 9.07
C THR C 120 7.91 10.05 8.17
N ALA C 121 8.57 11.17 7.88
CA ALA C 121 7.97 12.20 7.04
C ALA C 121 8.08 11.77 5.57
N ILE C 122 6.98 11.85 4.81
CA ILE C 122 6.98 11.46 3.39
C ILE C 122 6.90 12.75 2.54
N VAL D 7 21.32 -8.27 27.60
CA VAL D 7 20.20 -9.18 27.18
C VAL D 7 20.16 -9.24 25.67
N ILE D 8 20.14 -8.08 25.04
CA ILE D 8 19.99 -8.01 23.63
C ILE D 8 21.24 -7.62 22.91
N LEU D 9 22.25 -7.08 23.59
CA LEU D 9 23.35 -6.57 22.82
C LEU D 9 24.04 -7.64 21.98
N ASP D 10 24.11 -8.93 22.40
CA ASP D 10 24.78 -9.92 21.53
C ASP D 10 23.99 -10.12 20.23
N CYS D 11 22.66 -10.15 20.32
CA CYS D 11 21.79 -10.30 19.12
C CYS D 11 21.89 -9.05 18.23
N GLU D 12 21.85 -7.86 18.83
CA GLU D 12 22.14 -6.62 18.07
C GLU D 12 23.48 -6.74 17.32
N LYS D 13 24.53 -7.13 18.02
CA LYS D 13 25.84 -7.30 17.38
C LYS D 13 25.85 -8.30 16.23
N LYS D 14 25.17 -9.43 16.42
CA LYS D 14 25.03 -10.46 15.38
C LYS D 14 24.31 -9.89 14.14
N LEU D 15 23.28 -9.11 14.41
CA LEU D 15 22.49 -8.50 13.33
C LEU D 15 23.35 -7.52 12.54
N LEU D 16 24.08 -6.64 13.23
CA LEU D 16 24.91 -5.66 12.52
C LEU D 16 26.02 -6.33 11.69
N THR D 17 26.60 -7.39 12.23
CA THR D 17 27.60 -8.17 11.52
C THR D 17 26.98 -8.83 10.30
N ALA D 18 25.78 -9.41 10.47
CA ALA D 18 25.05 -10.03 9.34
C ALA D 18 24.78 -9.05 8.19
N ILE D 19 24.34 -7.84 8.55
CA ILE D 19 24.06 -6.75 7.61
CA ILE D 19 24.08 -6.79 7.57
C ILE D 19 25.34 -6.37 6.84
N GLN D 20 26.43 -6.15 7.59
CA GLN D 20 27.71 -5.81 6.99
C GLN D 20 28.27 -6.89 6.03
N ASN D 21 27.92 -8.16 6.24
CA ASN D 21 28.41 -9.28 5.44
C ASN D 21 27.42 -9.93 4.47
N ASN D 22 26.24 -9.32 4.29
CA ASN D 22 25.15 -9.88 3.48
C ASN D 22 24.89 -11.34 3.88
N ASP D 23 24.92 -11.62 5.20
CA ASP D 23 24.74 -12.97 5.71
C ASP D 23 23.26 -13.30 5.81
N VAL D 24 22.67 -13.69 4.67
CA VAL D 24 21.24 -13.99 4.62
C VAL D 24 20.81 -15.21 5.44
N GLU D 25 21.72 -16.16 5.67
CA GLU D 25 21.42 -17.33 6.49
C GLU D 25 21.20 -16.90 7.93
N SER D 26 22.03 -15.98 8.41
CA SER D 26 21.80 -15.42 9.76
C SER D 26 20.56 -14.52 9.82
N LEU D 27 20.35 -13.71 8.79
CA LEU D 27 19.16 -12.88 8.72
C LEU D 27 17.86 -13.72 8.76
N GLU D 28 17.87 -14.89 8.14
CA GLU D 28 16.71 -15.79 8.16
CA GLU D 28 16.71 -15.80 8.16
C GLU D 28 16.30 -16.16 9.58
N VAL D 29 17.30 -16.23 10.49
CA VAL D 29 17.06 -16.55 11.89
C VAL D 29 16.73 -15.31 12.74
N LEU D 30 17.49 -14.24 12.55
CA LEU D 30 17.35 -13.03 13.34
C LEU D 30 16.09 -12.21 13.09
N LEU D 31 15.56 -12.31 11.88
CA LEU D 31 14.37 -11.58 11.48
C LEU D 31 13.16 -12.50 11.56
N HIS D 32 12.14 -12.03 12.25
CA HIS D 32 10.89 -12.73 12.30
C HIS D 32 10.19 -12.68 10.92
N ASP D 33 9.59 -13.82 10.56
CA ASP D 33 8.87 -13.94 9.29
C ASP D 33 7.87 -12.84 9.03
N ASP D 34 7.19 -12.41 10.07
CA ASP D 34 6.13 -11.41 9.96
C ASP D 34 6.55 -10.01 10.34
N LEU D 35 7.84 -9.70 10.22
CA LEU D 35 8.26 -8.37 10.57
C LEU D 35 7.77 -7.33 9.57
N LEU D 36 7.67 -6.08 10.03
CA LEU D 36 7.48 -4.90 9.18
C LEU D 36 8.58 -3.86 9.55
N PHE D 37 9.26 -3.34 8.51
CA PHE D 37 10.34 -2.35 8.62
CA PHE D 37 10.29 -2.36 8.71
C PHE D 37 9.99 -1.12 7.83
N ILE D 38 10.14 0.07 8.39
CA ILE D 38 9.88 1.28 7.63
CA ILE D 38 9.89 1.31 7.66
C ILE D 38 11.25 1.93 7.32
N ILE D 39 11.48 2.23 6.06
CA ILE D 39 12.73 2.89 5.61
C ILE D 39 12.46 4.41 5.38
N PRO D 40 13.52 5.22 5.25
CA PRO D 40 13.37 6.70 5.08
C PRO D 40 12.40 7.25 4.04
N SER D 41 12.21 6.50 2.96
CA SER D 41 11.23 6.90 1.96
C SER D 41 9.78 6.75 2.41
N GLY D 42 9.53 6.04 3.52
CA GLY D 42 8.19 5.70 4.00
C GLY D 42 7.71 4.33 3.53
N GLU D 43 8.52 3.63 2.72
CA GLU D 43 8.19 2.30 2.27
C GLU D 43 8.20 1.31 3.45
N THR D 44 7.24 0.36 3.46
CA THR D 44 7.13 -0.68 4.46
C THR D 44 7.68 -1.94 3.80
N VAL D 45 8.74 -2.47 4.42
CA VAL D 45 9.52 -3.57 3.90
C VAL D 45 9.20 -4.81 4.75
N THR D 46 9.05 -5.95 4.06
CA THR D 46 8.80 -7.22 4.70
C THR D 46 10.14 -7.98 4.81
N LYS D 47 10.18 -9.07 5.59
CA LYS D 47 11.39 -9.89 5.66
C LYS D 47 11.82 -10.40 4.27
N GLU D 48 10.88 -10.88 3.48
CA GLU D 48 11.20 -11.42 2.17
C GLU D 48 11.89 -10.35 1.32
N THR D 49 11.33 -9.14 1.33
CA THR D 49 11.94 -8.03 0.58
C THR D 49 13.31 -7.59 1.10
N ASP D 50 13.44 -7.56 2.40
CA ASP D 50 14.69 -7.15 3.00
C ASP D 50 15.81 -8.16 2.67
N ILE D 51 15.51 -9.44 2.85
CA ILE D 51 16.49 -10.50 2.58
C ILE D 51 16.83 -10.53 1.08
N ALA D 52 15.83 -10.36 0.22
CA ALA D 52 16.07 -10.31 -1.24
C ALA D 52 17.06 -9.17 -1.60
N ALA D 53 16.94 -8.01 -0.94
CA ALA D 53 17.86 -6.89 -1.15
C ALA D 53 19.28 -7.31 -0.79
N TYR D 54 19.44 -7.97 0.37
CA TYR D 54 20.78 -8.45 0.77
C TYR D 54 21.35 -9.54 -0.17
N SER D 55 20.47 -10.33 -0.79
CA SER D 55 20.84 -11.34 -1.77
C SER D 55 21.02 -10.79 -3.22
N SER D 56 20.61 -9.55 -3.47
CA SER D 56 20.56 -9.00 -4.83
C SER D 56 21.90 -8.62 -5.43
N GLY D 57 22.95 -8.54 -4.61
CA GLY D 57 24.25 -8.03 -5.07
C GLY D 57 24.33 -6.52 -5.20
N LYS D 58 23.37 -5.78 -4.64
CA LYS D 58 23.32 -4.31 -4.74
C LYS D 58 23.61 -3.59 -3.40
N ILE D 59 23.93 -4.36 -2.36
CA ILE D 59 24.28 -3.82 -1.04
C ILE D 59 25.68 -4.29 -0.69
N ALA D 60 26.55 -3.33 -0.42
CA ALA D 60 27.92 -3.58 0.04
C ALA D 60 28.22 -2.53 1.13
N LEU D 61 27.88 -2.86 2.36
CA LEU D 61 28.17 -1.96 3.50
C LEU D 61 29.55 -2.21 4.07
N ARG D 62 30.44 -1.23 4.08
CA ARG D 62 31.78 -1.43 4.68
C ARG D 62 31.86 -1.24 6.19
N ALA D 63 30.98 -0.42 6.76
CA ALA D 63 30.95 -0.18 8.21
C ALA D 63 29.51 0.04 8.67
N VAL D 64 29.18 -0.57 9.81
CA VAL D 64 27.86 -0.51 10.43
C VAL D 64 28.17 -0.38 11.94
N VAL D 65 28.25 0.86 12.42
CA VAL D 65 28.76 1.17 13.77
C VAL D 65 27.70 1.78 14.68
N PRO D 66 27.38 1.08 15.80
CA PRO D 66 26.34 1.57 16.70
C PRO D 66 26.90 2.47 17.82
N SER D 67 26.03 3.33 18.34
CA SER D 67 26.34 4.19 19.47
C SER D 67 25.01 4.62 20.07
N ASP D 68 25.07 4.98 21.35
CA ASP D 68 23.91 5.54 22.05
C ASP D 68 22.73 4.61 22.16
N TYR D 69 22.98 3.35 22.48
CA TYR D 69 21.86 2.45 22.74
C TYR D 69 20.93 2.92 23.89
N ILE D 70 19.64 2.90 23.61
CA ILE D 70 18.57 3.16 24.57
CA ILE D 70 18.59 3.17 24.59
C ILE D 70 17.65 1.96 24.45
N ILE D 71 17.42 1.26 25.58
CA ILE D 71 16.70 0.03 25.64
C ILE D 71 15.60 0.01 26.72
N ARG D 72 14.50 -0.65 26.39
CA ARG D 72 13.41 -0.97 27.30
C ARG D 72 13.06 -2.47 27.19
N ILE D 73 12.95 -3.15 28.33
CA ILE D 73 12.58 -4.58 28.37
C ILE D 73 11.14 -4.60 28.90
N ILE D 74 10.25 -5.20 28.12
CA ILE D 74 8.85 -5.30 28.45
C ILE D 74 8.44 -6.78 28.26
N HIS D 75 8.47 -7.55 29.35
CA HIS D 75 8.15 -8.96 29.32
C HIS D 75 9.07 -9.71 28.36
N ASP D 76 8.56 -10.32 27.30
CA ASP D 76 9.37 -11.10 26.31
C ASP D 76 9.87 -10.25 25.12
N THR D 77 9.86 -8.93 25.29
CA THR D 77 10.14 -7.98 24.20
C THR D 77 11.21 -6.99 24.66
N VAL D 78 12.10 -6.63 23.74
CA VAL D 78 13.11 -5.59 23.95
C VAL D 78 12.90 -4.54 22.83
N VAL D 79 12.70 -3.31 23.28
CA VAL D 79 12.59 -2.14 22.42
C VAL D 79 13.96 -1.45 22.44
N VAL D 80 14.51 -1.18 21.26
CA VAL D 80 15.85 -0.63 21.10
C VAL D 80 15.79 0.59 20.19
N SER D 81 16.41 1.68 20.63
CA SER D 81 16.66 2.91 19.86
C SER D 81 18.16 3.11 19.83
N VAL D 82 18.76 3.32 18.65
CA VAL D 82 20.24 3.44 18.54
C VAL D 82 20.71 4.23 17.33
N ASN D 83 21.85 4.93 17.43
CA ASN D 83 22.51 5.55 16.27
C ASN D 83 23.30 4.49 15.54
N ILE D 84 23.15 4.40 14.22
CA ILE D 84 23.92 3.46 13.40
C ILE D 84 24.57 4.30 12.28
N GLU D 85 25.89 4.30 12.25
CA GLU D 85 26.67 4.99 11.25
C GLU D 85 26.92 3.95 10.17
N ILE D 86 26.49 4.25 8.94
CA ILE D 86 26.59 3.30 7.81
C ILE D 86 27.47 3.88 6.73
N LYS D 87 28.45 3.10 6.29
CA LYS D 87 29.35 3.49 5.21
C LYS D 87 29.35 2.39 4.18
N GLY D 88 29.01 2.74 2.94
CA GLY D 88 29.07 1.78 1.84
C GLY D 88 28.13 2.14 0.72
N GLU D 89 27.82 1.12 -0.08
CA GLU D 89 26.92 1.22 -1.22
C GLU D 89 25.67 0.51 -0.89
N TYR D 90 24.55 1.18 -1.08
CA TYR D 90 23.28 0.61 -0.78
C TYR D 90 22.33 0.90 -1.90
N GLU D 92 22.43 1.20 -5.01
CA GLU D 92 22.82 2.30 -5.91
C GLU D 92 23.10 3.72 -5.35
N HIS D 93 23.10 3.89 -4.02
CA HIS D 93 23.41 5.15 -3.32
C HIS D 93 24.64 4.96 -2.46
N THR D 94 25.49 5.98 -2.39
CA THR D 94 26.68 5.94 -1.57
C THR D 94 26.27 6.48 -0.20
N LEU D 95 26.57 5.75 0.87
CA LEU D 95 26.21 6.16 2.24
C LEU D 95 27.47 6.43 3.07
N ASP D 96 27.40 7.49 3.88
CA ASP D 96 28.38 7.80 4.93
C ASP D 96 27.58 8.72 5.85
N ASN D 97 26.58 8.15 6.50
CA ASN D 97 25.66 8.90 7.35
C ASN D 97 25.22 8.07 8.52
N THR D 98 24.67 8.75 9.51
CA THR D 98 24.05 8.09 10.64
C THR D 98 22.54 8.10 10.50
N PHE D 99 21.92 7.03 10.98
CA PHE D 99 20.52 6.86 11.01
C PHE D 99 20.12 6.48 12.43
N ARG D 100 18.96 6.94 12.88
CA ARG D 100 18.46 6.47 14.16
C ARG D 100 17.55 5.30 13.86
N TYR D 101 17.93 4.13 14.36
CA TYR D 101 17.11 2.91 14.22
C TYR D 101 16.26 2.63 15.43
N LEU D 102 15.05 2.16 15.15
CA LEU D 102 14.19 1.60 16.16
C LEU D 102 14.12 0.09 15.78
N ARG D 103 14.27 -0.80 16.76
CA ARG D 103 14.03 -2.21 16.57
C ARG D 103 13.25 -2.77 17.76
N VAL D 104 12.30 -3.64 17.49
CA VAL D 104 11.57 -4.36 18.52
C VAL D 104 11.87 -5.85 18.32
N TRP D 105 12.43 -6.44 19.37
CA TRP D 105 12.83 -7.82 19.40
C TRP D 105 11.87 -8.66 20.29
N LYS D 106 11.56 -9.87 19.89
CA LYS D 106 10.68 -10.77 20.66
C LYS D 106 11.43 -12.08 20.84
N LEU D 107 11.36 -12.68 22.02
CA LEU D 107 12.01 -13.94 22.30
C LEU D 107 11.01 -15.02 21.83
N PHE D 108 11.24 -15.53 20.62
CA PHE D 108 10.27 -16.35 19.89
C PHE D 108 10.98 -17.49 19.16
N ASP D 109 10.35 -18.67 19.14
CA ASP D 109 10.94 -19.92 18.70
C ASP D 109 12.31 -20.11 19.40
N GLY D 110 12.39 -19.64 20.65
CA GLY D 110 13.59 -19.76 21.46
C GLY D 110 14.73 -18.78 21.29
N ASN D 111 14.63 -17.87 20.33
CA ASN D 111 15.71 -16.89 20.15
CA ASN D 111 15.67 -16.90 19.98
C ASN D 111 15.16 -15.48 19.90
N TRP D 112 16.03 -14.47 20.07
CA TRP D 112 15.63 -13.08 19.87
C TRP D 112 15.48 -12.79 18.36
N LYS D 113 14.26 -12.41 17.97
CA LYS D 113 13.91 -12.07 16.57
C LYS D 113 13.36 -10.66 16.43
N VAL D 114 13.80 -9.97 15.39
CA VAL D 114 13.28 -8.64 15.08
C VAL D 114 11.87 -8.77 14.47
N ILE D 115 10.86 -8.19 15.15
CA ILE D 115 9.48 -8.21 14.68
C ILE D 115 9.06 -6.87 14.05
N ALA D 116 9.80 -5.80 14.33
CA ALA D 116 9.44 -4.47 13.82
C ALA D 116 10.63 -3.54 13.90
N GLY D 117 10.62 -2.54 13.02
CA GLY D 117 11.62 -1.49 13.15
C GLY D 117 11.48 -0.41 12.13
N SER D 118 12.34 0.58 12.28
CA SER D 118 12.43 1.69 11.35
C SER D 118 13.79 2.29 11.36
N CYS D 119 14.05 3.02 10.30
CA CYS D 119 15.32 3.69 10.01
C CYS D 119 15.04 5.16 9.71
N THR D 120 15.52 6.10 10.56
CA THR D 120 15.37 7.57 10.39
C THR D 120 16.68 8.23 9.99
N ALA D 121 16.71 8.86 8.80
CA ALA D 121 17.93 9.54 8.34
C ALA D 121 18.19 10.83 9.15
N ILE D 122 19.42 10.96 9.64
CA ILE D 122 19.94 12.16 10.32
C ILE D 122 20.63 12.92 9.17
N GLY D 123 19.93 13.93 8.66
CA GLY D 123 20.39 14.73 7.52
C GLY D 123 21.24 14.15 6.39
#